data_7V1I
#
_entry.id   7V1I
#
_cell.length_a   35.232
_cell.length_b   89.977
_cell.length_c   45.686
_cell.angle_alpha   90.000
_cell.angle_beta   91.250
_cell.angle_gamma   90.000
#
_symmetry.space_group_name_H-M   'P 1 21 1'
#
loop_
_entity.id
_entity.type
_entity.pdbx_description
1 polymer 'Core protein'
2 non-polymer GLYCEROL
3 non-polymer "N7-METHYL-GUANOSINE-5'-MONOPHOSPHATE"
4 non-polymer "7-METHYL-GUANOSINE-5'-TRIPHOSPHATE"
5 non-polymer S-ADENOSYL-L-HOMOCYSTEINE
6 non-polymer 'MAGNESIUM ION'
7 water water
#
_entity_poly.entity_id   1
_entity_poly.type   'polypeptide(L)'
_entity_poly.pdbx_seq_one_letter_code
;MTLGDLWKRRLNNCTKEEFFAYRRTGILETERDKARELLRKGETNMGLAVSRGTAKLAWLEERGYVNLKGEVVDLGCGRG
GWSYYAASRPAVMGVKAYTIGGKGHEAPKMVTSLGWNLIKFRAGMDVFTMQPHRADTVMCDIGESSPDAAIEGERTRKVI
LLMEQWKNRNPSASCVFKVLAPYRPEVIEALHRFQLQWGGGLVRTPFSRNSTHEMYYSTAISGNIVNSVNVQSRKLLARF
GDQRGPIRVPEMDLGVGTRHHHHHH
;
_entity_poly.pdbx_strand_id   A
#
# COMPACT_ATOMS: atom_id res chain seq x y z
N MET A 1 10.96 -24.09 0.55
CA MET A 1 10.47 -23.15 1.54
C MET A 1 11.48 -21.99 1.64
N THR A 2 11.01 -20.77 1.82
CA THR A 2 11.87 -19.59 1.80
C THR A 2 11.95 -18.96 3.20
N LEU A 3 12.91 -18.04 3.37
CA LEU A 3 12.99 -17.34 4.66
C LEU A 3 11.67 -16.65 4.98
N GLY A 4 10.94 -16.19 3.97
CA GLY A 4 9.66 -15.58 4.22
C GLY A 4 8.65 -16.57 4.80
N ASP A 5 8.62 -17.78 4.25
CA ASP A 5 7.71 -18.78 4.80
C ASP A 5 8.03 -19.03 6.26
N LEU A 6 9.33 -19.15 6.58
CA LEU A 6 9.75 -19.36 7.96
C LEU A 6 9.37 -18.18 8.86
N TRP A 7 9.57 -16.94 8.38
CA TRP A 7 9.11 -15.76 9.12
C TRP A 7 7.62 -15.88 9.46
N LYS A 8 6.80 -16.27 8.49
CA LYS A 8 5.36 -16.40 8.75
C LYS A 8 5.09 -17.41 9.86
N ARG A 9 5.78 -18.55 9.85
CA ARG A 9 5.55 -19.56 10.88
C ARG A 9 5.90 -19.04 12.26
N ARG A 10 7.08 -18.45 12.40
CA ARG A 10 7.47 -17.85 13.67
C ARG A 10 6.44 -16.80 14.12
N LEU A 11 5.99 -15.96 13.19
CA LEU A 11 4.96 -14.96 13.51
C LEU A 11 3.72 -15.62 14.10
N ASN A 12 3.18 -16.65 13.43
CA ASN A 12 2.01 -17.36 13.95
C ASN A 12 2.30 -18.10 15.25
N ASN A 13 3.55 -18.47 15.50
CA ASN A 13 3.88 -19.18 16.74
C ASN A 13 4.12 -18.26 17.92
N CYS A 14 4.20 -16.94 17.70
CA CYS A 14 4.29 -15.99 18.80
C CYS A 14 3.09 -16.12 19.74
N THR A 15 3.34 -16.02 21.06
CA THR A 15 2.20 -15.80 21.95
C THR A 15 1.58 -14.42 21.67
N LYS A 16 0.41 -14.18 22.27
CA LYS A 16 -0.27 -12.89 22.12
C LYS A 16 0.63 -11.74 22.54
N GLU A 17 1.33 -11.88 23.67
CA GLU A 17 2.23 -10.83 24.11
C GLU A 17 3.43 -10.69 23.19
N GLU A 18 4.08 -11.82 22.85
CA GLU A 18 5.19 -11.77 21.90
C GLU A 18 4.77 -11.09 20.60
N PHE A 19 3.58 -11.46 20.08
CA PHE A 19 3.03 -10.82 18.89
C PHE A 19 2.87 -9.31 19.06
N PHE A 20 2.14 -8.89 20.11
CA PHE A 20 1.86 -7.46 20.24
C PHE A 20 3.14 -6.64 20.32
N ALA A 21 4.21 -7.19 20.91
CA ALA A 21 5.46 -6.46 21.03
C ALA A 21 6.30 -6.51 19.76
N TYR A 22 6.15 -7.57 18.95
CA TYR A 22 6.91 -7.69 17.71
C TYR A 22 6.31 -6.84 16.60
N ARG A 23 4.96 -6.77 16.56
N ARG A 23 4.97 -6.84 16.52
CA ARG A 23 4.22 -6.10 15.48
CA ARG A 23 4.26 -6.11 15.48
C ARG A 23 4.68 -4.66 15.28
C ARG A 23 4.86 -4.73 15.25
N ARG A 24 5.10 -3.99 16.35
CA ARG A 24 5.37 -2.56 16.31
C ARG A 24 6.82 -2.20 16.64
N THR A 25 7.68 -3.17 16.96
CA THR A 25 9.01 -2.82 17.45
C THR A 25 9.82 -2.14 16.35
N GLY A 26 10.26 -0.92 16.63
CA GLY A 26 11.13 -0.19 15.74
C GLY A 26 10.47 0.46 14.54
N ILE A 27 9.15 0.37 14.39
CA ILE A 27 8.55 0.84 13.14
C ILE A 27 8.22 2.34 13.27
N LEU A 28 8.04 2.98 12.12
CA LEU A 28 7.54 4.34 12.08
C LEU A 28 6.01 4.31 12.15
N GLU A 29 5.45 5.11 13.04
CA GLU A 29 4.00 5.12 13.25
C GLU A 29 3.53 6.56 13.40
N THR A 30 2.61 6.97 12.52
CA THR A 30 2.12 8.33 12.56
C THR A 30 1.18 8.51 13.75
N GLU A 31 1.23 9.70 14.34
CA GLU A 31 0.45 10.02 15.53
C GLU A 31 -0.93 10.51 15.07
N ARG A 32 -1.95 9.66 15.28
CA ARG A 32 -3.28 9.85 14.70
C ARG A 32 -4.33 10.21 15.73
N ASP A 33 -3.96 10.74 16.89
CA ASP A 33 -4.94 10.97 17.95
C ASP A 33 -6.01 11.95 17.47
N LYS A 34 -5.59 13.12 17.00
CA LYS A 34 -6.54 14.13 16.56
C LYS A 34 -7.25 13.69 15.29
N ALA A 35 -6.52 13.13 14.32
CA ALA A 35 -7.15 12.71 13.08
C ALA A 35 -8.30 11.74 13.35
N ARG A 36 -8.04 10.71 14.18
CA ARG A 36 -9.05 9.68 14.44
C ARG A 36 -10.34 10.29 15.01
N GLU A 37 -10.22 11.15 16.03
CA GLU A 37 -11.44 11.72 16.60
C GLU A 37 -12.15 12.64 15.61
N LEU A 38 -11.39 13.44 14.85
CA LEU A 38 -12.00 14.27 13.80
C LEU A 38 -12.80 13.40 12.82
N LEU A 39 -12.23 12.27 12.39
CA LEU A 39 -13.00 11.34 11.57
C LEU A 39 -14.21 10.80 12.32
N ARG A 40 -14.02 10.45 13.59
CA ARG A 40 -15.08 9.82 14.36
C ARG A 40 -16.29 10.73 14.52
N LYS A 41 -16.08 12.04 14.62
CA LYS A 41 -17.19 12.97 14.84
C LYS A 41 -17.86 13.43 13.56
N GLY A 42 -17.38 13.00 12.39
CA GLY A 42 -18.02 13.37 11.14
C GLY A 42 -17.57 14.70 10.57
N GLU A 43 -16.44 15.24 11.06
CA GLU A 43 -15.94 16.49 10.55
C GLU A 43 -15.39 16.28 9.14
N THR A 44 -15.85 17.10 8.18
CA THR A 44 -15.35 16.93 6.82
C THR A 44 -14.29 17.94 6.41
N ASN A 45 -14.14 19.08 7.10
CA ASN A 45 -13.13 20.05 6.71
C ASN A 45 -11.83 19.74 7.47
N MET A 46 -11.09 18.78 6.93
CA MET A 46 -9.87 18.37 7.60
C MET A 46 -8.88 17.86 6.56
N GLY A 47 -7.62 18.23 6.74
CA GLY A 47 -6.58 17.82 5.83
C GLY A 47 -5.73 16.69 6.35
N LEU A 48 -5.85 16.38 7.64
CA LEU A 48 -5.09 15.26 8.20
C LEU A 48 -5.47 13.96 7.53
N ALA A 49 -4.54 13.02 7.53
CA ALA A 49 -4.65 11.82 6.71
C ALA A 49 -5.83 10.95 7.16
N VAL A 50 -6.63 10.49 6.21
CA VAL A 50 -7.79 9.68 6.55
C VAL A 50 -7.43 8.27 6.98
N SER A 51 -6.15 7.89 6.87
CA SER A 51 -5.65 6.55 7.20
C SER A 51 -4.13 6.58 7.15
N ARG A 52 -3.52 5.48 7.60
CA ARG A 52 -2.06 5.32 7.58
C ARG A 52 -1.49 5.01 6.18
N GLY A 53 -2.32 5.02 5.12
CA GLY A 53 -1.79 4.83 3.79
C GLY A 53 -1.17 6.09 3.23
N THR A 54 -1.62 7.26 3.69
CA THR A 54 -1.14 8.52 3.15
C THR A 54 0.36 8.67 3.36
N ALA A 55 0.83 8.37 4.58
CA ALA A 55 2.25 8.53 4.90
C ALA A 55 3.13 7.54 4.15
N LYS A 56 2.63 6.34 3.85
CA LYS A 56 3.40 5.36 3.07
C LYS A 56 3.59 5.82 1.63
N LEU A 57 2.51 6.26 0.98
CA LEU A 57 2.63 6.73 -0.40
C LEU A 57 3.38 8.05 -0.45
N ALA A 58 3.20 8.90 0.56
CA ALA A 58 4.01 10.09 0.67
C ALA A 58 5.50 9.72 0.78
N TRP A 59 5.83 8.74 1.63
CA TRP A 59 7.24 8.37 1.76
C TRP A 59 7.79 7.90 0.43
N LEU A 60 6.98 7.19 -0.35
CA LEU A 60 7.44 6.73 -1.66
C LEU A 60 7.69 7.91 -2.60
N GLU A 61 6.76 8.86 -2.65
CA GLU A 61 6.95 10.02 -3.50
C GLU A 61 8.20 10.80 -3.09
N GLU A 62 8.26 11.21 -1.82
CA GLU A 62 9.35 12.08 -1.38
C GLU A 62 10.72 11.45 -1.63
N ARG A 63 10.87 10.15 -1.38
CA ARG A 63 12.13 9.47 -1.70
C ARG A 63 12.42 9.40 -3.19
N GLY A 64 11.48 9.81 -4.03
CA GLY A 64 11.63 9.65 -5.46
C GLY A 64 11.33 8.27 -5.97
N TYR A 65 10.64 7.43 -5.19
CA TYR A 65 10.40 6.05 -5.61
C TYR A 65 9.13 5.88 -6.43
N VAL A 66 8.27 6.89 -6.48
CA VAL A 66 7.13 6.93 -7.39
C VAL A 66 7.05 8.35 -7.94
N ASN A 67 6.59 8.47 -9.18
CA ASN A 67 6.33 9.79 -9.75
C ASN A 67 4.84 9.85 -10.11
N LEU A 68 4.05 10.47 -9.25
CA LEU A 68 2.61 10.52 -9.42
C LEU A 68 2.26 11.66 -10.36
N LYS A 69 1.71 11.34 -11.54
CA LYS A 69 1.38 12.39 -12.50
C LYS A 69 0.20 11.99 -13.37
N GLY A 70 -0.46 13.03 -13.89
CA GLY A 70 -1.49 12.86 -14.89
C GLY A 70 -2.81 12.39 -14.30
N GLU A 71 -3.45 11.49 -15.04
CA GLU A 71 -4.69 10.88 -14.61
C GLU A 71 -4.33 9.63 -13.81
N VAL A 72 -4.72 9.61 -12.54
CA VAL A 72 -4.32 8.57 -11.61
C VAL A 72 -5.52 7.66 -11.39
N VAL A 73 -5.29 6.36 -11.33
CA VAL A 73 -6.32 5.43 -10.85
C VAL A 73 -5.83 4.84 -9.55
N ASP A 74 -6.70 4.83 -8.55
CA ASP A 74 -6.44 4.23 -7.25
C ASP A 74 -7.35 3.01 -7.13
N LEU A 75 -6.78 1.83 -7.31
CA LEU A 75 -7.55 0.57 -7.34
C LEU A 75 -7.50 -0.09 -5.97
N GLY A 76 -8.64 -0.16 -5.28
CA GLY A 76 -8.65 -0.58 -3.89
C GLY A 76 -8.40 0.61 -2.98
N CYS A 77 -9.11 1.73 -3.20
CA CYS A 77 -8.79 2.95 -2.47
C CYS A 77 -9.12 2.87 -0.97
N GLY A 78 -9.93 1.90 -0.54
CA GLY A 78 -10.39 1.89 0.86
C GLY A 78 -10.90 3.25 1.32
N ARG A 79 -10.48 3.68 2.52
CA ARG A 79 -10.85 5.02 3.01
C ARG A 79 -10.38 6.13 2.08
N GLY A 80 -9.33 5.90 1.31
CA GLY A 80 -8.86 6.88 0.36
C GLY A 80 -7.53 7.56 0.68
N GLY A 81 -6.74 7.02 1.62
CA GLY A 81 -5.50 7.68 2.01
C GLY A 81 -4.57 7.93 0.83
N TRP A 82 -4.59 7.05 -0.16
CA TRP A 82 -3.77 7.28 -1.35
C TRP A 82 -4.44 8.23 -2.33
N SER A 83 -5.76 8.12 -2.48
CA SER A 83 -6.50 9.00 -3.37
C SER A 83 -6.36 10.45 -2.95
N TYR A 84 -6.50 10.71 -1.65
CA TYR A 84 -6.27 12.06 -1.15
C TYR A 84 -4.83 12.51 -1.36
N TYR A 85 -3.83 11.65 -1.08
CA TYR A 85 -2.46 12.08 -1.28
C TYR A 85 -2.21 12.46 -2.72
N ALA A 86 -2.55 11.55 -3.66
CA ALA A 86 -2.42 11.86 -5.07
C ALA A 86 -3.10 13.19 -5.45
N ALA A 87 -4.36 13.38 -5.06
CA ALA A 87 -5.10 14.56 -5.49
C ALA A 87 -4.45 15.87 -5.01
N SER A 88 -3.66 15.83 -3.94
CA SER A 88 -2.96 17.00 -3.42
C SER A 88 -1.63 17.25 -4.12
N ARG A 89 -1.18 16.32 -4.99
CA ARG A 89 0.03 16.52 -5.78
C ARG A 89 -0.25 17.47 -6.94
N PRO A 90 0.43 18.62 -7.03
CA PRO A 90 0.15 19.54 -8.14
C PRO A 90 0.28 18.92 -9.53
N ALA A 91 1.16 17.92 -9.72
CA ALA A 91 1.31 17.31 -11.04
C ALA A 91 0.15 16.38 -11.41
N VAL A 92 -0.76 16.11 -10.47
CA VAL A 92 -1.87 15.19 -10.70
C VAL A 92 -3.08 15.99 -11.16
N MET A 93 -3.73 15.55 -12.24
CA MET A 93 -4.90 16.23 -12.82
C MET A 93 -6.23 15.64 -12.39
N GLY A 94 -6.25 14.36 -12.03
CA GLY A 94 -7.48 13.71 -11.63
C GLY A 94 -7.19 12.36 -11.03
N VAL A 95 -8.16 11.88 -10.25
CA VAL A 95 -8.01 10.60 -9.55
C VAL A 95 -9.32 9.84 -9.69
N LYS A 96 -9.27 8.67 -10.29
CA LYS A 96 -10.43 7.80 -10.37
C LYS A 96 -10.20 6.66 -9.39
N ALA A 97 -10.94 6.69 -8.30
CA ALA A 97 -10.72 5.83 -7.14
C ALA A 97 -11.83 4.79 -7.09
N TYR A 98 -11.44 3.53 -6.89
CA TYR A 98 -12.39 2.42 -6.87
C TYR A 98 -12.17 1.57 -5.62
N THR A 99 -13.26 1.13 -4.99
CA THR A 99 -13.10 0.21 -3.88
C THR A 99 -14.39 -0.59 -3.67
N ILE A 100 -14.26 -1.79 -3.09
CA ILE A 100 -15.40 -2.71 -3.01
C ILE A 100 -16.41 -2.27 -1.95
N GLY A 101 -15.93 -1.73 -0.82
CA GLY A 101 -16.85 -1.43 0.27
C GLY A 101 -17.62 -2.69 0.68
N GLY A 102 -18.69 -2.45 1.42
CA GLY A 102 -19.51 -3.56 1.91
C GLY A 102 -19.01 -4.08 3.25
N LYS A 103 -19.70 -5.11 3.74
CA LYS A 103 -19.49 -5.61 5.10
C LYS A 103 -18.06 -6.09 5.29
N GLY A 104 -17.35 -5.46 6.23
CA GLY A 104 -15.96 -5.81 6.49
C GLY A 104 -14.96 -5.11 5.60
N HIS A 105 -15.38 -4.04 4.91
CA HIS A 105 -14.49 -3.28 4.05
C HIS A 105 -14.74 -1.79 4.25
N GLU A 106 -13.70 -0.99 4.03
CA GLU A 106 -13.76 0.44 4.29
C GLU A 106 -14.37 1.16 3.09
N ALA A 107 -15.40 1.96 3.34
CA ALA A 107 -15.87 2.92 2.36
C ALA A 107 -14.93 4.13 2.32
N PRO A 108 -14.97 4.93 1.24
CA PRO A 108 -14.18 6.16 1.22
C PRO A 108 -14.59 7.08 2.35
N LYS A 109 -13.60 7.76 2.93
CA LYS A 109 -13.86 8.84 3.87
C LYS A 109 -13.98 10.14 3.07
N MET A 110 -15.06 10.90 3.33
CA MET A 110 -15.36 12.11 2.56
C MET A 110 -14.97 13.35 3.36
N VAL A 111 -13.91 14.04 2.92
CA VAL A 111 -13.36 15.24 3.54
C VAL A 111 -12.93 16.18 2.42
N THR A 112 -12.56 17.40 2.83
CA THR A 112 -12.15 18.44 1.89
C THR A 112 -10.65 18.58 1.79
N SER A 113 -9.90 17.50 2.03
CA SER A 113 -8.46 17.54 1.88
C SER A 113 -8.08 18.00 0.47
N LEU A 114 -7.05 18.83 0.38
CA LEU A 114 -6.63 19.52 -0.84
C LEU A 114 -6.72 18.64 -2.08
N GLY A 115 -7.48 19.08 -3.07
CA GLY A 115 -7.65 18.35 -4.31
C GLY A 115 -8.86 17.45 -4.36
N TRP A 116 -9.68 17.41 -3.29
CA TRP A 116 -10.76 16.44 -3.19
C TRP A 116 -11.73 16.50 -4.36
N ASN A 117 -11.97 17.72 -4.90
CA ASN A 117 -12.89 17.87 -6.03
C ASN A 117 -12.42 17.11 -7.25
N LEU A 118 -11.12 16.80 -7.33
CA LEU A 118 -10.54 16.10 -8.46
C LEU A 118 -10.62 14.58 -8.34
N ILE A 119 -11.06 14.04 -7.20
CA ILE A 119 -11.24 12.61 -7.06
C ILE A 119 -12.66 12.26 -7.46
N LYS A 120 -12.82 11.21 -8.27
CA LYS A 120 -14.10 10.56 -8.48
C LYS A 120 -14.07 9.23 -7.74
N PHE A 121 -14.86 9.11 -6.68
CA PHE A 121 -14.93 7.89 -5.87
C PHE A 121 -16.01 6.98 -6.44
N ARG A 122 -15.70 5.71 -6.61
CA ARG A 122 -16.69 4.69 -6.97
C ARG A 122 -16.53 3.50 -6.03
N ALA A 123 -17.35 3.47 -4.98
CA ALA A 123 -17.45 2.31 -4.11
C ALA A 123 -18.36 1.26 -4.73
N GLY A 124 -18.43 0.10 -4.10
CA GLY A 124 -19.17 -1.00 -4.68
C GLY A 124 -18.56 -1.58 -5.94
N MET A 125 -17.27 -1.32 -6.18
CA MET A 125 -16.59 -1.71 -7.41
C MET A 125 -15.57 -2.81 -7.12
N ASP A 126 -15.64 -3.91 -7.87
CA ASP A 126 -14.61 -4.96 -7.82
C ASP A 126 -13.60 -4.70 -8.94
N VAL A 127 -12.38 -4.29 -8.58
CA VAL A 127 -11.42 -3.93 -9.61
C VAL A 127 -10.91 -5.14 -10.38
N PHE A 128 -11.06 -6.35 -9.83
CA PHE A 128 -10.51 -7.55 -10.47
C PHE A 128 -11.27 -7.96 -11.73
N THR A 129 -12.48 -7.45 -11.93
CA THR A 129 -13.25 -7.73 -13.14
C THR A 129 -13.63 -6.45 -13.90
N MET A 130 -13.09 -5.30 -13.50
CA MET A 130 -13.38 -4.04 -14.18
C MET A 130 -12.49 -3.90 -15.40
N GLN A 131 -13.07 -3.50 -16.52
CA GLN A 131 -12.25 -3.29 -17.71
C GLN A 131 -11.35 -2.08 -17.46
N PRO A 132 -10.05 -2.19 -17.75
CA PRO A 132 -9.17 -1.03 -17.59
C PRO A 132 -9.50 0.09 -18.56
N HIS A 133 -9.06 1.31 -18.21
CA HIS A 133 -9.21 2.48 -19.06
C HIS A 133 -7.93 3.31 -18.96
N ARG A 134 -7.90 4.42 -19.68
CA ARG A 134 -6.69 5.22 -19.79
C ARG A 134 -6.26 5.74 -18.42
N ALA A 135 -4.96 5.70 -18.17
CA ALA A 135 -4.39 6.31 -16.97
C ALA A 135 -2.92 6.56 -17.23
N ASP A 136 -2.38 7.61 -16.59
CA ASP A 136 -0.93 7.86 -16.61
C ASP A 136 -0.24 7.24 -15.42
N THR A 137 -0.96 7.08 -14.31
CA THR A 137 -0.41 6.54 -13.07
C THR A 137 -1.41 5.52 -12.56
N VAL A 138 -0.96 4.30 -12.32
CA VAL A 138 -1.81 3.22 -11.84
C VAL A 138 -1.35 2.83 -10.44
N MET A 139 -2.20 3.02 -9.44
CA MET A 139 -1.87 2.67 -8.07
C MET A 139 -2.83 1.60 -7.58
N CYS A 140 -2.34 0.75 -6.67
CA CYS A 140 -3.13 -0.39 -6.19
C CYS A 140 -2.60 -0.83 -4.84
N ASP A 141 -3.38 -0.63 -3.79
CA ASP A 141 -2.92 -0.93 -2.44
C ASP A 141 -3.71 -2.10 -1.85
N ILE A 142 -3.98 -3.14 -2.67
CA ILE A 142 -4.84 -4.25 -2.29
C ILE A 142 -3.99 -5.37 -1.72
N GLY A 143 -4.42 -5.93 -0.60
CA GLY A 143 -3.83 -7.18 -0.18
C GLY A 143 -4.16 -7.48 1.26
N GLU A 144 -5.19 -8.28 1.46
CA GLU A 144 -5.74 -8.53 2.80
C GLU A 144 -4.98 -9.67 3.46
N SER A 145 -4.58 -9.45 4.71
N SER A 145 -4.58 -9.44 4.71
CA SER A 145 -3.75 -10.40 5.41
CA SER A 145 -3.76 -10.38 5.45
C SER A 145 -4.54 -11.66 5.72
C SER A 145 -4.54 -11.66 5.74
N SER A 146 -3.81 -12.75 5.94
CA SER A 146 -4.39 -14.03 6.32
C SER A 146 -3.29 -14.79 7.02
N PRO A 147 -3.58 -15.50 8.12
CA PRO A 147 -2.56 -16.34 8.76
C PRO A 147 -2.00 -17.39 7.82
N ASP A 148 -2.69 -17.67 6.71
CA ASP A 148 -2.33 -18.69 5.74
C ASP A 148 -1.51 -18.06 4.63
N ALA A 149 -0.20 -18.32 4.62
CA ALA A 149 0.69 -17.70 3.65
C ALA A 149 0.29 -18.06 2.22
N ALA A 150 -0.21 -19.28 2.01
CA ALA A 150 -0.62 -19.67 0.66
C ALA A 150 -1.74 -18.79 0.13
N ILE A 151 -2.74 -18.50 0.98
CA ILE A 151 -3.80 -17.58 0.57
C ILE A 151 -3.23 -16.19 0.31
N GLU A 152 -2.29 -15.75 1.15
CA GLU A 152 -1.68 -14.43 0.96
C GLU A 152 -0.94 -14.35 -0.36
N GLY A 153 -0.19 -15.41 -0.70
CA GLY A 153 0.48 -15.45 -1.99
C GLY A 153 -0.47 -15.45 -3.19
N GLU A 154 -1.66 -16.06 -3.04
CA GLU A 154 -2.65 -16.04 -4.12
C GLU A 154 -3.32 -14.68 -4.26
N ARG A 155 -3.69 -14.07 -3.13
CA ARG A 155 -4.16 -12.69 -3.18
C ARG A 155 -3.15 -11.81 -3.91
N THR A 156 -1.86 -11.97 -3.58
CA THR A 156 -0.81 -11.15 -4.19
C THR A 156 -0.73 -11.39 -5.69
N ARG A 157 -0.78 -12.67 -6.10
CA ARG A 157 -0.74 -12.99 -7.54
C ARG A 157 -1.86 -12.29 -8.29
N LYS A 158 -3.05 -12.22 -7.69
CA LYS A 158 -4.20 -11.58 -8.32
C LYS A 158 -3.96 -10.08 -8.50
N VAL A 159 -3.26 -9.45 -7.55
CA VAL A 159 -2.90 -8.04 -7.70
C VAL A 159 -1.95 -7.86 -8.89
N ILE A 160 -0.94 -8.74 -8.98
CA ILE A 160 0.04 -8.56 -10.06
C ILE A 160 -0.62 -8.78 -11.42
N LEU A 161 -1.49 -9.78 -11.54
CA LEU A 161 -2.24 -9.94 -12.78
C LEU A 161 -3.04 -8.70 -13.09
N LEU A 162 -3.65 -8.08 -12.08
CA LEU A 162 -4.43 -6.85 -12.31
C LEU A 162 -3.55 -5.78 -12.92
N MET A 163 -2.34 -5.60 -12.38
CA MET A 163 -1.40 -4.61 -12.90
C MET A 163 -0.99 -4.95 -14.32
N GLU A 164 -0.85 -6.23 -14.64
CA GLU A 164 -0.50 -6.60 -16.01
C GLU A 164 -1.58 -6.19 -16.99
N GLN A 165 -2.85 -6.27 -16.56
CA GLN A 165 -3.98 -5.86 -17.39
C GLN A 165 -3.99 -4.34 -17.61
N TRP A 166 -3.70 -3.56 -16.56
CA TRP A 166 -3.66 -2.11 -16.72
C TRP A 166 -2.43 -1.67 -17.51
N LYS A 167 -1.32 -2.40 -17.39
CA LYS A 167 -0.14 -2.09 -18.18
C LYS A 167 -0.37 -2.43 -19.65
N ASN A 168 -1.09 -3.53 -19.89
CA ASN A 168 -1.49 -3.89 -21.25
C ASN A 168 -2.29 -2.75 -21.87
N ARG A 169 -3.27 -2.19 -21.14
CA ARG A 169 -4.02 -1.03 -21.62
C ARG A 169 -3.18 0.24 -21.65
N ASN A 170 -2.29 0.43 -20.66
CA ASN A 170 -1.43 1.62 -20.59
C ASN A 170 0.04 1.20 -20.48
N PRO A 171 0.69 0.87 -21.62
CA PRO A 171 2.11 0.51 -21.58
C PRO A 171 3.04 1.53 -20.91
N SER A 172 2.71 2.82 -20.98
CA SER A 172 3.61 3.83 -20.47
C SER A 172 3.27 4.28 -19.05
N ALA A 173 2.15 3.82 -18.49
CA ALA A 173 1.75 4.30 -17.17
C ALA A 173 2.78 3.86 -16.14
N SER A 174 3.08 4.73 -15.18
CA SER A 174 3.83 4.27 -14.03
C SER A 174 2.90 3.51 -13.10
N CYS A 175 3.41 2.45 -12.49
CA CYS A 175 2.64 1.70 -11.50
C CYS A 175 3.34 1.68 -10.16
N VAL A 176 2.52 1.70 -9.12
CA VAL A 176 2.92 1.37 -7.76
C VAL A 176 1.84 0.48 -7.18
N PHE A 177 2.23 -0.66 -6.60
CA PHE A 177 1.26 -1.59 -6.04
C PHE A 177 1.87 -2.34 -4.86
N LYS A 178 1.04 -2.60 -3.84
CA LYS A 178 1.45 -3.46 -2.73
C LYS A 178 1.69 -4.87 -3.23
N VAL A 179 2.72 -5.52 -2.70
CA VAL A 179 2.99 -6.95 -2.92
C VAL A 179 2.94 -7.59 -1.54
N LEU A 180 1.77 -8.13 -1.17
CA LEU A 180 1.52 -8.54 0.20
C LEU A 180 2.49 -9.63 0.67
N ALA A 181 2.65 -10.69 -0.11
CA ALA A 181 3.52 -11.81 0.31
C ALA A 181 4.59 -12.06 -0.75
N PRO A 182 5.63 -11.22 -0.77
CA PRO A 182 6.56 -11.22 -1.91
C PRO A 182 7.53 -12.40 -1.93
N TYR A 183 7.48 -13.27 -0.93
CA TYR A 183 8.36 -14.45 -0.86
C TYR A 183 7.75 -15.69 -1.48
N ARG A 184 6.44 -15.69 -1.75
CA ARG A 184 5.81 -16.88 -2.26
C ARG A 184 6.31 -17.17 -3.69
N PRO A 185 6.48 -18.44 -4.06
CA PRO A 185 7.10 -18.72 -5.37
C PRO A 185 6.26 -18.27 -6.55
N GLU A 186 4.93 -18.38 -6.49
CA GLU A 186 4.13 -17.89 -7.61
C GLU A 186 4.22 -16.38 -7.73
N VAL A 187 4.51 -15.69 -6.62
CA VAL A 187 4.67 -14.24 -6.60
C VAL A 187 6.01 -13.84 -7.20
N ILE A 188 7.08 -14.54 -6.80
CA ILE A 188 8.41 -14.25 -7.34
C ILE A 188 8.41 -14.43 -8.86
N GLU A 189 7.79 -15.49 -9.36
CA GLU A 189 7.70 -15.68 -10.81
C GLU A 189 6.91 -14.55 -11.47
N ALA A 190 5.74 -14.21 -10.91
CA ALA A 190 4.92 -13.15 -11.47
C ALA A 190 5.69 -11.83 -11.51
N LEU A 191 6.41 -11.49 -10.44
CA LEU A 191 7.15 -10.23 -10.39
C LEU A 191 8.35 -10.22 -11.34
N HIS A 192 9.00 -11.37 -11.55
CA HIS A 192 10.06 -11.46 -12.56
C HIS A 192 9.51 -11.15 -13.93
N ARG A 193 8.34 -11.72 -14.28
CA ARG A 193 7.74 -11.43 -15.59
C ARG A 193 7.34 -9.97 -15.71
N PHE A 194 6.67 -9.41 -14.68
CA PHE A 194 6.42 -7.98 -14.69
C PHE A 194 7.71 -7.20 -14.92
N GLN A 195 8.73 -7.45 -14.10
CA GLN A 195 9.95 -6.67 -14.18
C GLN A 195 10.60 -6.73 -15.56
N LEU A 196 10.49 -7.88 -16.23
CA LEU A 196 11.20 -8.07 -17.50
C LEU A 196 10.58 -7.25 -18.61
N GLN A 197 9.28 -6.95 -18.52
CA GLN A 197 8.60 -6.19 -19.56
C GLN A 197 8.45 -4.72 -19.22
N TRP A 198 8.30 -4.38 -17.93
CA TRP A 198 8.00 -3.02 -17.51
C TRP A 198 9.07 -2.38 -16.65
N GLY A 199 10.08 -3.12 -16.23
CA GLY A 199 11.06 -2.56 -15.33
C GLY A 199 10.52 -2.50 -13.93
N GLY A 200 11.29 -1.86 -13.05
CA GLY A 200 10.82 -1.60 -11.70
C GLY A 200 11.53 -2.46 -10.66
N GLY A 201 11.02 -2.37 -9.44
CA GLY A 201 11.65 -3.08 -8.32
C GLY A 201 10.80 -2.92 -7.08
N LEU A 202 11.31 -3.48 -5.98
CA LEU A 202 10.59 -3.59 -4.71
C LEU A 202 11.23 -2.70 -3.66
N VAL A 203 10.42 -2.22 -2.70
CA VAL A 203 10.98 -1.46 -1.59
C VAL A 203 10.03 -1.58 -0.40
N ARG A 204 10.60 -1.59 0.81
CA ARG A 204 9.87 -1.63 2.07
C ARG A 204 9.69 -0.22 2.62
N THR A 205 8.44 0.16 2.97
CA THR A 205 8.31 1.44 3.64
C THR A 205 8.58 1.25 5.13
N PRO A 206 9.08 2.29 5.82
CA PRO A 206 9.30 2.17 7.26
C PRO A 206 8.02 2.22 8.09
N PHE A 207 6.87 2.47 7.48
CA PHE A 207 5.61 2.49 8.22
C PHE A 207 4.95 1.11 8.30
N SER A 208 5.34 0.16 7.45
CA SER A 208 4.74 -1.18 7.48
C SER A 208 5.15 -1.92 8.76
N ARG A 209 4.17 -2.57 9.39
CA ARG A 209 4.41 -3.26 10.65
C ARG A 209 5.17 -4.55 10.38
N ASN A 210 5.85 -5.06 11.42
CA ASN A 210 6.60 -6.30 11.27
C ASN A 210 5.70 -7.50 11.07
N SER A 211 4.43 -7.40 11.48
CA SER A 211 3.45 -8.45 11.28
C SER A 211 3.10 -8.64 9.82
N THR A 212 3.65 -7.82 8.92
CA THR A 212 3.37 -7.99 7.50
C THR A 212 4.65 -7.90 6.69
N HIS A 213 4.74 -8.77 5.70
CA HIS A 213 5.88 -8.79 4.80
C HIS A 213 5.70 -7.87 3.60
N GLU A 214 4.61 -7.08 3.56
CA GLU A 214 4.29 -6.29 2.38
C GLU A 214 5.49 -5.49 1.92
N MET A 215 5.64 -5.39 0.60
CA MET A 215 6.58 -4.47 -0.01
C MET A 215 5.88 -3.85 -1.20
N TYR A 216 6.30 -2.67 -1.58
CA TYR A 216 5.67 -1.97 -2.69
C TYR A 216 6.54 -2.04 -3.93
N TYR A 217 5.92 -2.41 -5.05
CA TYR A 217 6.58 -2.48 -6.35
C TYR A 217 6.31 -1.20 -7.12
N SER A 218 7.34 -0.67 -7.78
CA SER A 218 7.19 0.58 -8.54
C SER A 218 8.08 0.53 -9.78
N THR A 219 7.52 0.97 -10.92
CA THR A 219 8.29 1.07 -12.16
C THR A 219 9.41 2.13 -12.11
N ALA A 220 9.40 3.00 -11.11
CA ALA A 220 10.44 4.03 -10.97
C ALA A 220 11.68 3.59 -10.21
N ILE A 221 11.73 2.36 -9.68
CA ILE A 221 12.95 1.93 -8.99
C ILE A 221 13.47 0.66 -9.65
N SER A 222 14.49 0.05 -9.05
CA SER A 222 15.24 -0.99 -9.71
C SER A 222 15.76 -1.98 -8.68
N GLY A 223 16.30 -3.10 -9.17
CA GLY A 223 16.99 -4.00 -8.28
C GLY A 223 16.45 -5.42 -8.25
N ASN A 224 17.34 -6.36 -7.93
CA ASN A 224 16.99 -7.77 -7.99
C ASN A 224 15.88 -8.09 -7.01
N ILE A 225 14.82 -8.74 -7.51
CA ILE A 225 13.65 -9.03 -6.67
C ILE A 225 14.01 -10.03 -5.59
N VAL A 226 14.50 -11.22 -6.00
CA VAL A 226 14.88 -12.26 -5.05
C VAL A 226 15.75 -11.69 -3.93
N ASN A 227 16.67 -10.81 -4.29
CA ASN A 227 17.57 -10.22 -3.31
C ASN A 227 16.82 -9.22 -2.43
N SER A 228 16.01 -8.36 -3.04
CA SER A 228 15.16 -7.46 -2.27
C SER A 228 14.34 -8.22 -1.23
N VAL A 229 13.74 -9.35 -1.64
CA VAL A 229 12.86 -10.11 -0.78
C VAL A 229 13.64 -10.74 0.37
N ASN A 230 14.73 -11.43 0.03
CA ASN A 230 15.47 -12.15 1.05
C ASN A 230 16.13 -11.21 2.05
N VAL A 231 16.55 -9.99 1.62
CA VAL A 231 17.04 -9.01 2.59
C VAL A 231 15.94 -8.63 3.58
N GLN A 232 14.71 -8.44 3.07
CA GLN A 232 13.65 -8.05 3.99
C GLN A 232 13.29 -9.16 4.96
N SER A 233 13.16 -10.41 4.46
CA SER A 233 12.87 -11.54 5.34
C SER A 233 13.86 -11.64 6.50
N ARG A 234 15.14 -11.33 6.23
CA ARG A 234 16.17 -11.45 7.26
C ARG A 234 16.03 -10.34 8.31
N LYS A 235 15.82 -9.11 7.87
CA LYS A 235 15.51 -8.03 8.79
C LYS A 235 14.31 -8.38 9.65
N LEU A 236 13.25 -8.90 9.03
CA LEU A 236 12.05 -9.30 9.77
C LEU A 236 12.37 -10.43 10.76
N LEU A 237 13.13 -11.44 10.33
CA LEU A 237 13.48 -12.53 11.23
C LEU A 237 14.39 -12.09 12.36
N ALA A 238 15.11 -10.98 12.20
CA ALA A 238 16.03 -10.56 13.25
C ALA A 238 15.36 -9.66 14.26
N ARG A 239 14.19 -9.13 13.91
CA ARG A 239 13.46 -8.25 14.82
C ARG A 239 12.75 -9.03 15.92
N PHE A 240 12.59 -10.34 15.74
CA PHE A 240 12.03 -11.19 16.79
C PHE A 240 12.93 -11.11 18.01
N GLY A 241 12.35 -10.68 19.13
CA GLY A 241 13.07 -10.48 20.37
C GLY A 241 13.33 -9.04 20.69
N ASP A 242 13.21 -8.16 19.70
CA ASP A 242 13.38 -6.73 19.95
C ASP A 242 12.29 -6.25 20.89
N GLN A 243 12.70 -5.44 21.87
CA GLN A 243 11.76 -4.90 22.85
C GLN A 243 11.44 -3.43 22.61
N ARG A 244 12.15 -2.78 21.69
CA ARG A 244 11.95 -1.36 21.43
C ARG A 244 10.52 -1.10 20.99
N GLY A 245 10.03 0.08 21.32
CA GLY A 245 8.72 0.49 20.85
C GLY A 245 8.79 1.13 19.48
N PRO A 246 7.62 1.44 18.92
CA PRO A 246 7.60 2.16 17.64
C PRO A 246 8.20 3.56 17.78
N ILE A 247 8.66 4.09 16.65
CA ILE A 247 9.02 5.50 16.55
C ILE A 247 7.78 6.25 16.13
N ARG A 248 7.26 7.10 17.03
CA ARG A 248 6.07 7.89 16.72
C ARG A 248 6.48 9.18 16.00
N VAL A 249 5.77 9.50 14.93
CA VAL A 249 6.06 10.66 14.09
C VAL A 249 4.75 11.35 13.73
N PRO A 250 4.81 12.62 13.30
CA PRO A 250 3.57 13.33 13.01
C PRO A 250 2.84 12.74 11.81
N GLU A 251 1.52 12.86 11.86
CA GLU A 251 0.69 12.49 10.72
C GLU A 251 0.76 13.60 9.69
N MET A 252 0.51 13.23 8.43
CA MET A 252 0.44 14.23 7.37
C MET A 252 -0.75 15.14 7.60
N ASP A 253 -0.58 16.42 7.26
CA ASP A 253 -1.68 17.37 7.14
C ASP A 253 -1.56 18.01 5.77
N LEU A 254 -2.33 17.52 4.81
CA LEU A 254 -2.25 17.97 3.43
C LEU A 254 -2.95 19.30 3.19
N GLY A 255 -3.62 19.86 4.20
CA GLY A 255 -4.43 21.05 4.03
C GLY A 255 -5.76 20.74 3.35
N VAL A 256 -6.59 21.77 3.24
CA VAL A 256 -7.92 21.62 2.68
C VAL A 256 -8.09 22.59 1.52
N GLY A 257 -9.11 22.35 0.71
CA GLY A 257 -9.46 23.24 -0.38
C GLY A 257 -9.64 22.51 -1.69
N THR A 258 -10.18 23.24 -2.66
CA THR A 258 -10.35 22.72 -4.00
C THR A 258 -9.10 22.99 -4.83
N ARG A 259 -9.02 22.31 -5.97
CA ARG A 259 -7.97 22.57 -6.96
C ARG A 259 -8.63 22.79 -8.33
#